data_4AGT
#
_entry.id   4AGT
#
_cell.length_a   47.410
_cell.length_b   88.350
_cell.length_c   79.780
_cell.angle_alpha   90.00
_cell.angle_beta   102.99
_cell.angle_gamma   90.00
#
_symmetry.space_group_name_H-M   'P 1 21 1'
#
loop_
_entity.id
_entity.type
_entity.pdbx_description
1 polymer 'FUCOSE-SPECIFIC LECTIN FLEA'
2 branched alpha-L-fucopyranose-(1-6)-2-acetamido-2-deoxy-alpha-D-glucopyranose
3 branched alpha-L-fucopyranose-(1-6)-2-acetamido-2-deoxy-beta-D-glucopyranose
4 non-polymer 'SODIUM ION'
5 non-polymer alpha-L-fucopyranose
6 water water
#
_entity_poly.entity_id   1
_entity_poly.type   'polypeptide(L)'
_entity_poly.pdbx_seq_one_letter_code
;MSTPGAQQVLFRTGIAAVNSTNHLRVYFQDVYGSIRESLYEGSWANGTEKNVIGNAKLGSPVAATSKELKHIRVYTLTEG
NTLQEFAYDSGTGWYNGGLGGAKFQVAPYSCIAAVFLAGTDALQLRIYAQKPDNTIQEYMWNGDGWKEGTNLGGALPGTG
IGATSFRYTDYNGPSIRIWFQTDDLKLVQRAYDPHKGWYPDLVTIFDRAPPRTAIAATSFGAGNSSIYMRIYFVNSDNTI
WQVCWDHGKGYHDKGTITPVIQGSEVAIISWGSFANNGPDLRLYFQNGTYISAVSEWVWNRAHGSQLGRSALPPA
;
_entity_poly.pdbx_strand_id   A,B
#
# COMPACT_ATOMS: atom_id res chain seq x y z
N SER A 2 -10.19 2.68 -17.13
CA SER A 2 -10.31 3.50 -15.91
C SER A 2 -10.87 4.86 -16.35
N THR A 3 -10.83 5.86 -15.47
CA THR A 3 -11.32 7.19 -15.80
C THR A 3 -10.38 8.16 -15.14
N PRO A 4 -10.29 9.38 -15.67
CA PRO A 4 -9.48 10.45 -15.08
C PRO A 4 -9.79 10.74 -13.64
N GLY A 5 -11.08 10.77 -13.32
CA GLY A 5 -11.53 10.81 -11.94
C GLY A 5 -11.01 9.66 -11.10
N ALA A 6 -11.23 8.42 -11.53
CA ALA A 6 -10.79 7.26 -10.73
C ALA A 6 -9.27 7.31 -10.48
N GLN A 7 -8.52 7.79 -11.47
CA GLN A 7 -7.06 7.88 -11.41
C GLN A 7 -6.55 8.86 -10.34
N GLN A 8 -7.44 9.74 -9.86
CA GLN A 8 -7.11 10.72 -8.81
C GLN A 8 -7.16 10.16 -7.40
N VAL A 9 -7.77 8.98 -7.26
CA VAL A 9 -7.94 8.29 -5.99
C VAL A 9 -6.68 7.48 -5.69
N LEU A 10 -6.09 7.73 -4.52
CA LEU A 10 -4.91 7.00 -4.11
C LEU A 10 -5.19 5.50 -3.96
N PHE A 11 -4.29 4.67 -4.50
CA PHE A 11 -4.39 3.22 -4.44
C PHE A 11 -4.15 2.82 -3.01
N ARG A 12 -5.04 2.01 -2.41
CA ARG A 12 -4.98 1.72 -0.94
C ARG A 12 -5.15 2.98 -0.05
N THR A 13 -5.90 3.96 -0.53
CA THR A 13 -6.28 5.11 0.27
C THR A 13 -6.93 4.73 1.61
N GLY A 14 -6.62 5.46 2.67
CA GLY A 14 -7.48 5.48 3.83
C GLY A 14 -8.89 5.84 3.40
N ILE A 15 -9.89 5.21 4.04
CA ILE A 15 -11.31 5.51 3.79
C ILE A 15 -12.07 5.66 5.12
N ALA A 16 -12.99 6.62 5.15
CA ALA A 16 -13.90 6.81 6.29
C ALA A 16 -15.24 7.25 5.73
N ALA A 17 -16.28 7.13 6.55
CA ALA A 17 -17.63 7.56 6.15
C ALA A 17 -18.43 7.96 7.38
N VAL A 18 -19.40 8.85 7.17
CA VAL A 18 -20.35 9.26 8.18
C VAL A 18 -21.70 9.44 7.51
N ASN A 19 -22.75 9.50 8.33
CA ASN A 19 -24.10 9.54 7.83
C ASN A 19 -25.15 10.05 8.83
N SER A 20 -26.30 10.42 8.28
CA SER A 20 -27.51 10.56 9.06
C SER A 20 -28.56 9.77 8.28
N THR A 21 -29.01 8.65 8.85
CA THR A 21 -29.74 7.67 8.09
C THR A 21 -29.08 7.50 6.70
N ASN A 22 -29.83 7.74 5.64
CA ASN A 22 -29.37 7.51 4.28
C ASN A 22 -28.71 8.71 3.60
N HIS A 23 -28.28 9.69 4.40
CA HIS A 23 -27.51 10.85 3.91
C HIS A 23 -26.05 10.60 4.24
N LEU A 24 -25.21 10.46 3.19
CA LEU A 24 -23.91 9.82 3.37
C LEU A 24 -22.78 10.74 2.96
N ARG A 25 -21.65 10.65 3.67
CA ARG A 25 -20.41 11.31 3.26
C ARG A 25 -19.28 10.29 3.32
N VAL A 26 -18.37 10.35 2.34
CA VAL A 26 -17.26 9.42 2.28
C VAL A 26 -15.95 10.20 2.10
N TYR A 27 -14.96 9.89 2.91
CA TYR A 27 -13.67 10.57 2.86
C TYR A 27 -12.58 9.64 2.33
N PHE A 28 -11.66 10.22 1.56
CA PHE A 28 -10.54 9.50 0.96
C PHE A 28 -9.42 10.45 0.61
N GLN A 29 -8.25 9.89 0.32
CA GLN A 29 -7.09 10.69 -0.06
C GLN A 29 -6.87 10.61 -1.55
N ASP A 30 -6.56 11.76 -2.18
CA ASP A 30 -6.19 11.76 -3.59
C ASP A 30 -4.69 11.51 -3.77
N VAL A 31 -4.26 11.28 -5.01
CA VAL A 31 -2.86 10.93 -5.27
C VAL A 31 -1.86 12.03 -4.89
N TYR A 32 -2.34 13.26 -4.69
CA TYR A 32 -1.51 14.39 -4.27
C TYR A 32 -1.55 14.56 -2.76
N GLY A 33 -2.28 13.70 -2.05
CA GLY A 33 -2.31 13.76 -0.60
C GLY A 33 -3.40 14.59 0.03
N SER A 34 -4.22 15.23 -0.81
CA SER A 34 -5.42 15.93 -0.33
C SER A 34 -6.53 14.96 0.07
N ILE A 35 -7.25 15.34 1.14
CA ILE A 35 -8.43 14.62 1.62
C ILE A 35 -9.69 15.27 1.01
N ARG A 36 -10.50 14.46 0.36
CA ARG A 36 -11.68 14.91 -0.36
C ARG A 36 -12.93 14.28 0.19
N GLU A 37 -14.07 14.92 -0.08
CA GLU A 37 -15.38 14.42 0.36
C GLU A 37 -16.27 14.13 -0.84
N SER A 38 -16.76 12.90 -0.90
CA SER A 38 -17.86 12.51 -1.76
C SER A 38 -19.13 12.45 -0.90
N LEU A 39 -20.28 12.61 -1.55
CA LEU A 39 -21.55 12.78 -0.84
C LEU A 39 -22.69 12.11 -1.57
N TYR A 40 -23.63 11.59 -0.78
CA TYR A 40 -24.88 11.04 -1.28
C TYR A 40 -26.07 11.78 -0.66
N GLU A 41 -26.81 12.52 -1.49
CA GLU A 41 -28.06 13.12 -1.09
C GLU A 41 -29.05 12.83 -2.20
N GLY A 42 -29.74 11.70 -2.11
CA GLY A 42 -30.56 11.17 -3.21
C GLY A 42 -29.75 10.60 -4.37
N SER A 43 -28.53 11.10 -4.60
CA SER A 43 -27.62 10.58 -5.61
C SER A 43 -26.20 10.94 -5.20
N TRP A 44 -25.23 10.38 -5.92
CA TRP A 44 -23.83 10.60 -5.62
C TRP A 44 -23.28 11.80 -6.33
N ALA A 45 -22.44 12.57 -5.64
CA ALA A 45 -21.75 13.73 -6.22
C ALA A 45 -20.39 13.99 -5.57
N ASN A 46 -19.70 14.98 -6.12
CA ASN A 46 -18.49 15.56 -5.54
C ASN A 46 -17.23 14.67 -5.64
N GLY A 47 -16.35 14.68 -4.64
CA GLY A 47 -15.10 13.94 -4.72
C GLY A 47 -14.05 14.54 -5.66
N THR A 48 -14.26 15.79 -6.09
CA THR A 48 -13.40 16.47 -7.08
C THR A 48 -12.38 17.32 -6.33
N GLU A 49 -11.51 17.99 -7.08
CA GLU A 49 -10.52 18.92 -6.54
C GLU A 49 -11.18 20.09 -5.81
N LYS A 50 -12.44 20.38 -6.14
CA LYS A 50 -13.18 21.42 -5.46
C LYS A 50 -13.75 20.96 -4.12
N ASN A 51 -13.51 19.70 -3.73
CA ASN A 51 -14.10 19.16 -2.53
C ASN A 51 -13.04 18.70 -1.57
N VAL A 52 -11.91 19.40 -1.58
CA VAL A 52 -10.79 19.16 -0.68
C VAL A 52 -11.04 19.78 0.68
N ILE A 53 -10.88 19.01 1.76
CA ILE A 53 -11.09 19.54 3.11
C ILE A 53 -9.76 19.80 3.83
N GLY A 54 -8.64 19.31 3.31
CA GLY A 54 -7.33 19.51 3.95
C GLY A 54 -6.30 18.60 3.32
N ASN A 55 -5.09 18.55 3.90
CA ASN A 55 -3.98 17.75 3.37
C ASN A 55 -3.35 16.93 4.50
N ALA A 56 -2.90 15.74 4.13
CA ALA A 56 -2.30 14.81 5.08
C ALA A 56 -1.10 14.12 4.40
N LYS A 57 -0.21 13.55 5.20
CA LYS A 57 0.92 12.81 4.63
C LYS A 57 0.35 11.76 3.69
N LEU A 58 1.05 11.51 2.58
CA LEU A 58 0.60 10.48 1.65
C LEU A 58 0.62 9.10 2.35
N GLY A 59 -0.47 8.35 2.19
CA GLY A 59 -0.64 7.05 2.84
C GLY A 59 -1.27 7.15 4.24
N SER A 60 -1.58 8.38 4.67
CA SER A 60 -2.17 8.62 6.02
C SER A 60 -3.41 7.77 6.33
N PRO A 61 -3.55 7.31 7.58
CA PRO A 61 -4.92 6.86 7.91
C PRO A 61 -5.93 7.98 7.81
N VAL A 62 -7.19 7.59 7.63
CA VAL A 62 -8.29 8.50 7.50
C VAL A 62 -9.44 7.90 8.31
N ALA A 63 -9.82 8.63 9.37
CA ALA A 63 -10.90 8.26 10.26
C ALA A 63 -11.87 9.41 10.36
N ALA A 64 -13.15 9.10 10.57
CA ALA A 64 -14.18 10.14 10.66
C ALA A 64 -15.26 9.74 11.63
N THR A 65 -15.84 10.69 12.34
CA THR A 65 -17.03 10.42 13.17
C THR A 65 -17.95 11.61 13.13
N SER A 66 -19.23 11.41 13.48
CA SER A 66 -20.21 12.49 13.37
C SER A 66 -21.33 12.44 14.39
N LYS A 67 -22.03 13.57 14.53
CA LYS A 67 -23.36 13.63 15.16
C LYS A 67 -24.32 14.02 14.05
N GLU A 68 -25.02 13.00 13.54
CA GLU A 68 -25.78 13.09 12.30
C GLU A 68 -24.89 13.77 11.28
N LEU A 69 -25.38 14.77 10.54
CA LEU A 69 -24.47 15.58 9.71
C LEU A 69 -24.36 17.05 10.19
N LYS A 70 -24.64 17.27 11.47
CA LYS A 70 -24.50 18.58 12.11
C LYS A 70 -23.06 18.87 12.40
N HIS A 71 -22.37 17.87 12.95
CA HIS A 71 -20.98 17.95 13.35
C HIS A 71 -20.27 16.73 12.77
N ILE A 72 -19.19 16.97 12.03
CA ILE A 72 -18.40 15.89 11.45
C ILE A 72 -16.98 16.21 11.83
N ARG A 73 -16.22 15.21 12.27
CA ARG A 73 -14.78 15.36 12.49
C ARG A 73 -13.97 14.29 11.75
N VAL A 74 -12.94 14.71 11.00
CA VAL A 74 -12.04 13.83 10.17
C VAL A 74 -10.58 13.91 10.68
N TYR A 75 -9.98 12.77 10.98
CA TYR A 75 -8.66 12.68 11.61
C TYR A 75 -7.69 11.97 10.66
N THR A 76 -6.51 12.58 10.52
CA THR A 76 -5.45 12.10 9.67
C THR A 76 -4.13 12.44 10.37
N LEU A 77 -3.01 12.07 9.75
CA LEU A 77 -1.66 12.37 10.27
C LEU A 77 -0.93 13.46 9.43
N THR A 78 -0.23 14.39 10.08
CA THR A 78 0.61 15.36 9.35
C THR A 78 1.92 14.72 8.87
N GLU A 79 2.68 15.50 8.10
CA GLU A 79 3.99 15.01 7.64
C GLU A 79 4.90 14.72 8.83
N GLY A 80 4.64 15.43 9.92
CA GLY A 80 5.39 15.26 11.17
C GLY A 80 4.88 14.15 12.07
N ASN A 81 3.91 13.37 11.60
CA ASN A 81 3.29 12.32 12.40
C ASN A 81 2.64 12.80 13.71
N THR A 82 1.93 13.92 13.61
CA THR A 82 1.04 14.36 14.67
C THR A 82 -0.40 14.29 14.19
N LEU A 83 -1.31 14.03 15.14
CA LEU A 83 -2.75 13.92 14.87
C LEU A 83 -3.28 15.31 14.54
N GLN A 84 -4.15 15.39 13.53
CA GLN A 84 -4.79 16.64 13.16
C GLN A 84 -6.28 16.37 12.87
N GLU A 85 -7.04 17.44 12.77
CA GLU A 85 -8.50 17.32 12.73
C GLU A 85 -9.07 18.35 11.79
N PHE A 86 -9.91 17.90 10.86
CA PHE A 86 -10.74 18.75 10.03
C PHE A 86 -12.17 18.64 10.56
N ALA A 87 -12.84 19.78 10.70
CA ALA A 87 -14.12 19.88 11.41
C ALA A 87 -15.14 20.55 10.55
N TYR A 88 -16.35 19.99 10.53
CA TYR A 88 -17.52 20.64 9.98
C TYR A 88 -18.55 20.87 11.08
N ASP A 89 -19.10 22.08 11.16
CA ASP A 89 -20.29 22.37 11.98
C ASP A 89 -21.34 23.06 11.10
N SER A 90 -22.60 22.65 11.18
CA SER A 90 -23.66 23.31 10.39
C SER A 90 -23.64 24.80 10.68
N GLY A 91 -23.82 25.64 9.66
CA GLY A 91 -23.69 27.09 9.83
C GLY A 91 -22.28 27.70 9.87
N THR A 92 -21.25 26.91 10.23
CA THR A 92 -19.84 27.35 10.16
C THR A 92 -19.15 26.85 8.88
N GLY A 93 -19.42 25.61 8.45
CA GLY A 93 -18.68 24.96 7.35
C GLY A 93 -17.42 24.22 7.84
N TRP A 94 -16.47 24.02 6.91
CA TRP A 94 -15.21 23.33 7.18
C TRP A 94 -14.12 24.19 7.76
N TYR A 95 -13.45 23.70 8.80
CA TYR A 95 -12.32 24.44 9.38
C TYR A 95 -11.32 23.49 10.00
N ASN A 96 -10.25 24.01 10.58
CA ASN A 96 -9.28 23.14 11.22
C ASN A 96 -9.53 23.12 12.71
N GLY A 97 -9.90 21.97 13.26
CA GLY A 97 -10.17 21.87 14.67
C GLY A 97 -8.89 21.94 15.49
N GLY A 98 -9.02 22.00 16.81
CA GLY A 98 -7.89 22.19 17.72
C GLY A 98 -6.95 21.05 18.02
N LEU A 99 -7.26 19.84 17.57
CA LEU A 99 -6.40 18.73 17.94
C LEU A 99 -4.90 18.99 17.59
N GLY A 100 -4.69 19.61 16.42
CA GLY A 100 -3.36 19.96 15.93
C GLY A 100 -2.50 20.68 16.96
N GLY A 101 -3.11 21.62 17.69
CA GLY A 101 -2.45 22.43 18.72
C GLY A 101 -1.84 21.64 19.87
N ALA A 102 -2.40 20.47 20.17
CA ALA A 102 -1.82 19.60 21.19
C ALA A 102 -0.55 18.88 20.71
N LYS A 103 -0.33 18.85 19.39
CA LYS A 103 0.88 18.26 18.83
C LYS A 103 1.09 16.85 19.39
N PHE A 104 0.05 16.01 19.35
CA PHE A 104 0.17 14.64 19.81
C PHE A 104 0.96 13.83 18.78
N GLN A 105 2.12 13.38 19.23
CA GLN A 105 3.11 12.70 18.44
C GLN A 105 2.80 11.20 18.49
N VAL A 106 2.67 10.55 17.32
CA VAL A 106 2.37 9.12 17.25
C VAL A 106 3.35 8.38 16.36
N ALA A 107 3.33 7.05 16.42
CA ALA A 107 4.18 6.24 15.52
C ALA A 107 3.92 6.63 14.08
N PRO A 108 4.98 6.65 13.25
CA PRO A 108 4.82 6.95 11.84
C PRO A 108 3.82 6.05 11.13
N TYR A 109 3.71 4.80 11.60
CA TYR A 109 2.84 3.78 11.02
C TYR A 109 1.50 3.62 11.75
N SER A 110 1.15 4.56 12.63
CA SER A 110 -0.09 4.47 13.42
C SER A 110 -1.32 4.59 12.55
N CYS A 111 -2.40 3.90 12.94
CA CYS A 111 -3.74 4.12 12.38
C CYS A 111 -4.52 5.02 13.35
N ILE A 112 -5.75 5.37 12.98
CA ILE A 112 -6.60 6.21 13.84
C ILE A 112 -8.05 5.74 13.81
N ALA A 113 -8.68 5.71 14.99
CA ALA A 113 -10.16 5.59 15.09
C ALA A 113 -10.72 6.69 15.96
N ALA A 114 -11.96 7.04 15.69
CA ALA A 114 -12.59 8.16 16.36
C ALA A 114 -14.05 7.84 16.61
N VAL A 115 -14.55 8.31 17.76
CA VAL A 115 -15.98 8.26 18.07
C VAL A 115 -16.45 9.52 18.78
N PHE A 116 -17.65 9.99 18.45
CA PHE A 116 -18.40 10.82 19.39
C PHE A 116 -19.01 9.87 20.43
N LEU A 117 -18.86 10.18 21.71
CA LEU A 117 -19.61 9.43 22.74
C LEU A 117 -21.12 9.48 22.52
N ALA A 118 -21.77 8.32 22.63
CA ALA A 118 -23.16 8.20 22.27
C ALA A 118 -24.07 8.65 23.43
N GLY A 119 -25.29 9.02 23.06
CA GLY A 119 -26.37 9.18 24.01
C GLY A 119 -26.31 10.51 24.72
N THR A 120 -25.53 11.45 24.19
CA THR A 120 -25.52 12.80 24.73
C THR A 120 -25.52 13.90 23.66
N ASP A 121 -26.15 15.02 23.97
CA ASP A 121 -26.12 16.17 23.08
C ASP A 121 -24.78 16.88 23.17
N ALA A 122 -24.02 16.65 24.24
CA ALA A 122 -22.72 17.28 24.38
C ALA A 122 -21.72 16.71 23.34
N LEU A 123 -20.79 17.55 22.88
CA LEU A 123 -19.78 17.08 21.92
C LEU A 123 -18.60 16.55 22.72
N GLN A 124 -18.47 15.23 22.76
CA GLN A 124 -17.41 14.54 23.47
C GLN A 124 -16.78 13.52 22.53
N LEU A 125 -15.45 13.51 22.44
CA LEU A 125 -14.75 12.68 21.45
C LEU A 125 -13.67 11.86 22.13
N ARG A 126 -13.47 10.64 21.61
CA ARG A 126 -12.35 9.82 21.98
C ARG A 126 -11.67 9.37 20.69
N ILE A 127 -10.36 9.61 20.61
CA ILE A 127 -9.54 9.23 19.47
C ILE A 127 -8.55 8.15 19.91
N TYR A 128 -8.32 7.14 19.07
CA TYR A 128 -7.34 6.11 19.37
C TYR A 128 -6.28 6.07 18.28
N ALA A 129 -5.03 5.92 18.70
CA ALA A 129 -3.90 5.86 17.79
C ALA A 129 -2.78 5.15 18.52
N GLN A 130 -1.68 4.89 17.82
CA GLN A 130 -0.55 4.12 18.37
C GLN A 130 0.66 4.98 18.57
N LYS A 131 1.23 4.91 19.77
CA LYS A 131 2.44 5.64 20.13
C LYS A 131 3.70 4.92 19.65
N PRO A 132 4.83 5.61 19.64
CA PRO A 132 6.12 4.98 19.29
C PRO A 132 6.43 3.72 20.04
N ASP A 133 5.99 3.59 21.29
CA ASP A 133 6.25 2.34 22.01
C ASP A 133 5.26 1.22 21.64
N ASN A 134 4.46 1.47 20.60
CA ASN A 134 3.45 0.54 20.11
C ASN A 134 2.21 0.34 20.99
N THR A 135 2.02 1.16 22.04
CA THR A 135 0.79 1.08 22.82
C THR A 135 -0.32 1.90 22.18
N ILE A 136 -1.55 1.48 22.43
CA ILE A 136 -2.71 2.20 21.92
C ILE A 136 -3.05 3.26 22.94
N GLN A 137 -3.13 4.52 22.49
CA GLN A 137 -3.43 5.63 23.37
C GLN A 137 -4.78 6.24 23.03
N GLU A 138 -5.58 6.49 24.07
CA GLU A 138 -6.80 7.29 23.94
C GLU A 138 -6.54 8.78 24.15
N TYR A 139 -7.13 9.62 23.30
CA TYR A 139 -7.07 11.06 23.43
C TYR A 139 -8.52 11.58 23.55
N MET A 140 -8.72 12.58 24.40
CA MET A 140 -10.04 12.99 24.88
C MET A 140 -10.31 14.45 24.65
N TRP A 141 -11.53 14.74 24.19
CA TRP A 141 -12.06 16.07 24.19
C TRP A 141 -13.34 16.06 24.98
N ASN A 142 -13.40 16.87 26.04
CA ASN A 142 -14.65 17.07 26.81
C ASN A 142 -15.09 18.53 26.95
N GLY A 143 -14.87 19.31 25.90
CA GLY A 143 -15.33 20.69 25.85
C GLY A 143 -14.36 21.71 26.41
N ASP A 144 -13.24 21.27 26.96
CA ASP A 144 -12.30 22.16 27.59
C ASP A 144 -10.87 21.69 27.28
N GLY A 145 -10.56 21.62 25.98
CA GLY A 145 -9.23 21.21 25.52
C GLY A 145 -8.94 19.72 25.41
N TRP A 146 -7.96 19.40 24.58
CA TRP A 146 -7.56 18.04 24.30
C TRP A 146 -6.63 17.55 25.36
N LYS A 147 -6.87 16.34 25.86
CA LYS A 147 -5.98 15.71 26.82
C LYS A 147 -5.88 14.20 26.59
N GLU A 148 -4.78 13.60 27.02
CA GLU A 148 -4.64 12.14 26.97
C GLU A 148 -5.56 11.46 27.95
N GLY A 149 -6.06 10.30 27.55
CA GLY A 149 -6.95 9.51 28.36
C GLY A 149 -6.25 8.23 28.68
N THR A 150 -6.96 7.10 28.57
CA THR A 150 -6.43 5.83 29.01
C THR A 150 -5.51 5.22 27.95
N ASN A 151 -4.36 4.72 28.40
CA ASN A 151 -3.48 3.93 27.56
C ASN A 151 -3.95 2.49 27.66
N LEU A 152 -4.14 1.86 26.51
CA LEU A 152 -4.74 0.55 26.48
C LEU A 152 -3.77 -0.60 26.19
N GLY A 153 -2.46 -0.38 26.34
CA GLY A 153 -1.49 -1.46 26.20
C GLY A 153 -0.99 -1.70 24.79
N GLY A 154 -0.07 -2.62 24.69
CA GLY A 154 0.63 -2.86 23.43
C GLY A 154 -0.24 -3.48 22.35
N ALA A 155 0.11 -3.19 21.10
CA ALA A 155 -0.49 -3.87 19.97
C ALA A 155 0.56 -4.11 18.85
N LEU A 156 0.15 -4.79 17.78
CA LEU A 156 1.00 -4.95 16.60
C LEU A 156 1.36 -3.57 16.05
N PRO A 157 2.65 -3.31 15.78
CA PRO A 157 3.01 -2.02 15.18
C PRO A 157 2.33 -1.83 13.82
N GLY A 158 1.49 -0.80 13.73
CA GLY A 158 0.76 -0.51 12.50
C GLY A 158 -0.60 -1.20 12.42
N THR A 159 -1.08 -1.72 13.53
CA THR A 159 -2.40 -2.34 13.64
C THR A 159 -3.47 -1.37 13.14
N GLY A 160 -4.48 -1.90 12.46
CA GLY A 160 -5.72 -1.19 12.22
C GLY A 160 -6.40 -0.98 13.57
N ILE A 161 -7.25 0.04 13.66
CA ILE A 161 -8.02 0.30 14.88
C ILE A 161 -9.48 0.59 14.48
N GLY A 162 -10.38 -0.27 14.94
CA GLY A 162 -11.83 -0.06 14.82
C GLY A 162 -12.41 0.43 16.14
N ALA A 163 -13.52 1.16 16.08
CA ALA A 163 -14.10 1.71 17.30
C ALA A 163 -15.54 2.14 17.13
N THR A 164 -16.30 2.03 18.23
CA THR A 164 -17.70 2.40 18.27
C THR A 164 -18.12 2.78 19.68
N SER A 165 -19.12 3.65 19.77
CA SER A 165 -19.71 4.01 21.06
C SER A 165 -21.21 3.86 20.95
N PHE A 166 -21.79 3.25 21.97
CA PHE A 166 -23.23 3.14 22.11
C PHE A 166 -23.62 3.45 23.56
N ARG A 167 -24.88 3.69 23.80
CA ARG A 167 -25.37 3.86 25.16
C ARG A 167 -26.55 2.95 25.41
N TYR A 168 -26.40 2.02 26.35
CA TYR A 168 -27.50 1.16 26.73
C TYR A 168 -28.62 2.04 27.32
N THR A 169 -29.87 1.70 26.99
CA THR A 169 -31.00 2.52 27.42
C THR A 169 -31.27 2.36 28.92
N ASP A 170 -30.59 1.43 29.58
CA ASP A 170 -30.68 1.31 31.04
C ASP A 170 -29.41 1.81 31.74
N TYR A 171 -28.51 2.42 30.99
CA TYR A 171 -27.29 2.95 31.56
C TYR A 171 -27.36 4.46 31.66
N ASN A 172 -26.58 5.01 32.57
CA ASN A 172 -26.55 6.44 32.80
C ASN A 172 -25.42 7.11 32.05
N GLY A 173 -24.68 6.35 31.25
CA GLY A 173 -23.61 6.91 30.46
C GLY A 173 -23.22 6.01 29.32
N PRO A 174 -22.33 6.51 28.43
CA PRO A 174 -21.92 5.77 27.23
C PRO A 174 -20.96 4.58 27.45
N SER A 175 -20.98 3.61 26.52
CA SER A 175 -19.97 2.59 26.46
C SER A 175 -19.10 2.75 25.18
N ILE A 176 -17.90 2.18 25.21
CA ILE A 176 -17.00 2.16 24.08
C ILE A 176 -16.51 0.73 23.87
N ARG A 177 -16.32 0.37 22.61
CA ARG A 177 -15.67 -0.87 22.23
C ARG A 177 -14.65 -0.52 21.15
N ILE A 178 -13.45 -1.10 21.24
CA ILE A 178 -12.43 -0.86 20.22
C ILE A 178 -11.81 -2.21 19.87
N TRP A 179 -11.21 -2.30 18.69
CA TRP A 179 -10.64 -3.55 18.17
C TRP A 179 -9.32 -3.33 17.51
N PHE A 180 -8.36 -4.20 17.76
CA PHE A 180 -7.05 -4.13 17.12
C PHE A 180 -6.39 -5.51 17.03
N GLN A 181 -5.15 -5.51 16.55
CA GLN A 181 -4.40 -6.71 16.31
C GLN A 181 -3.22 -6.77 17.28
N THR A 182 -3.00 -7.92 17.90
CA THR A 182 -1.85 -8.04 18.80
C THR A 182 -0.68 -8.67 18.02
N ASP A 183 0.51 -8.63 18.62
CA ASP A 183 1.74 -9.31 18.05
C ASP A 183 1.54 -10.75 17.56
N ASP A 184 0.74 -11.56 18.26
CA ASP A 184 0.43 -12.91 17.78
C ASP A 184 -0.51 -12.98 16.57
N LEU A 185 -0.90 -11.83 16.03
CA LEU A 185 -1.73 -11.72 14.82
C LEU A 185 -3.24 -11.97 15.03
N LYS A 186 -3.66 -12.20 16.27
CA LYS A 186 -5.08 -12.16 16.67
C LYS A 186 -5.74 -10.77 16.52
N LEU A 187 -7.04 -10.76 16.25
CA LEU A 187 -7.88 -9.54 16.35
C LEU A 187 -8.61 -9.58 17.69
N VAL A 188 -8.46 -8.53 18.50
CA VAL A 188 -9.00 -8.50 19.85
C VAL A 188 -9.93 -7.31 20.06
N GLN A 189 -10.87 -7.50 21.00
CA GLN A 189 -11.72 -6.43 21.52
C GLN A 189 -11.18 -5.93 22.84
N ARG A 190 -11.18 -4.61 23.03
CA ARG A 190 -11.17 -4.04 24.37
C ARG A 190 -12.49 -3.26 24.62
N ALA A 191 -12.85 -3.14 25.90
CA ALA A 191 -14.21 -2.74 26.28
C ALA A 191 -14.23 -1.78 27.46
N TYR A 192 -15.00 -0.70 27.31
CA TYR A 192 -15.29 0.24 28.39
C TYR A 192 -16.77 0.28 28.68
N ASP A 193 -17.13 0.06 29.95
CA ASP A 193 -18.50 0.33 30.44
C ASP A 193 -18.34 1.30 31.64
N PRO A 194 -19.33 2.16 31.90
CA PRO A 194 -19.13 3.18 32.96
C PRO A 194 -19.03 2.64 34.38
N HIS A 195 -19.35 1.37 34.60
CA HIS A 195 -19.17 0.75 35.93
C HIS A 195 -17.89 -0.02 36.09
N LYS A 196 -17.53 -0.81 35.09
CA LYS A 196 -16.30 -1.58 35.14
C LYS A 196 -15.11 -0.86 34.51
N GLY A 197 -15.31 0.32 33.95
CA GLY A 197 -14.21 1.04 33.30
C GLY A 197 -13.71 0.23 32.11
N TRP A 198 -12.43 0.33 31.79
CA TRP A 198 -11.86 -0.60 30.84
C TRP A 198 -11.73 -1.96 31.46
N TYR A 199 -12.43 -2.94 30.92
CA TYR A 199 -12.32 -4.30 31.39
C TYR A 199 -10.86 -4.72 31.22
N PRO A 200 -10.37 -5.53 32.17
CA PRO A 200 -8.97 -5.92 32.18
C PRO A 200 -8.57 -6.80 31.01
N ASP A 201 -9.47 -7.67 30.57
CA ASP A 201 -9.22 -8.71 29.56
C ASP A 201 -9.42 -8.30 28.08
N LEU A 202 -8.63 -8.88 27.18
CA LEU A 202 -8.89 -8.84 25.71
C LEU A 202 -9.77 -10.02 25.36
N VAL A 203 -10.73 -9.83 24.47
CA VAL A 203 -11.58 -10.89 23.95
C VAL A 203 -11.15 -11.12 22.48
N THR A 204 -10.79 -12.35 22.13
CA THR A 204 -10.40 -12.65 20.76
C THR A 204 -11.64 -12.68 19.86
N ILE A 205 -11.62 -11.96 18.74
CA ILE A 205 -12.70 -12.03 17.74
C ILE A 205 -12.31 -12.85 16.50
N PHE A 206 -11.01 -13.06 16.32
CA PHE A 206 -10.52 -13.83 15.17
C PHE A 206 -9.09 -14.32 15.45
N ASP A 207 -8.84 -15.58 15.14
CA ASP A 207 -7.63 -16.29 15.58
C ASP A 207 -6.34 -15.75 14.92
N ARG A 208 -6.39 -15.52 13.61
CA ARG A 208 -5.22 -15.12 12.81
C ARG A 208 -5.64 -14.26 11.62
N ALA A 209 -5.09 -13.06 11.54
CA ALA A 209 -5.41 -12.13 10.45
C ALA A 209 -4.12 -11.66 9.81
N PRO A 210 -4.20 -11.19 8.57
CA PRO A 210 -2.95 -10.69 7.96
C PRO A 210 -2.31 -9.54 8.78
N PRO A 211 -0.96 -9.41 8.74
CA PRO A 211 -0.32 -8.34 9.49
C PRO A 211 -0.77 -6.96 8.99
N ARG A 212 -1.13 -6.09 9.93
CA ARG A 212 -1.64 -4.74 9.66
C ARG A 212 -2.89 -4.67 8.80
N THR A 213 -3.73 -5.68 8.85
CA THR A 213 -4.96 -5.64 8.06
C THR A 213 -5.86 -4.47 8.53
N ALA A 214 -6.66 -3.93 7.61
CA ALA A 214 -7.70 -2.94 7.93
C ALA A 214 -8.72 -3.51 8.95
N ILE A 215 -9.26 -2.63 9.80
CA ILE A 215 -10.25 -3.01 10.84
C ILE A 215 -11.23 -1.84 10.98
N ALA A 216 -12.52 -2.14 10.76
CA ALA A 216 -13.59 -1.12 10.80
C ALA A 216 -14.79 -1.69 11.58
N ALA A 217 -15.40 -0.88 12.44
CA ALA A 217 -16.53 -1.37 13.27
C ALA A 217 -17.70 -0.41 13.37
N THR A 218 -18.86 -0.97 13.68
CA THR A 218 -20.07 -0.24 13.89
C THR A 218 -20.92 -0.96 14.93
N SER A 219 -21.90 -0.26 15.47
CA SER A 219 -22.86 -0.82 16.43
C SER A 219 -24.21 -0.15 16.17
N PHE A 220 -25.29 -0.83 16.59
CA PHE A 220 -26.65 -0.36 16.37
C PHE A 220 -27.67 -1.07 17.28
N GLY A 221 -28.85 -0.47 17.39
CA GLY A 221 -29.99 -1.09 18.07
C GLY A 221 -29.86 -1.23 19.58
N ALA A 222 -29.19 -0.28 20.23
CA ALA A 222 -28.91 -0.36 21.66
C ALA A 222 -30.21 -0.49 22.44
N GLY A 223 -30.27 -1.37 23.43
CA GLY A 223 -31.44 -1.49 24.31
C GLY A 223 -31.04 -1.61 25.77
N ASN A 224 -31.87 -2.30 26.56
CA ASN A 224 -31.54 -2.49 27.96
C ASN A 224 -30.46 -3.54 28.08
N SER A 225 -29.24 -3.10 28.36
CA SER A 225 -28.10 -4.01 28.42
C SER A 225 -28.02 -4.93 27.20
N SER A 226 -28.40 -4.39 26.04
CA SER A 226 -28.39 -5.12 24.77
C SER A 226 -27.76 -4.24 23.70
N ILE A 227 -26.94 -4.85 22.83
CA ILE A 227 -26.37 -4.16 21.66
C ILE A 227 -26.18 -5.13 20.48
N TYR A 228 -26.07 -4.57 19.28
CA TYR A 228 -25.65 -5.30 18.08
C TYR A 228 -24.35 -4.65 17.55
N MET A 229 -23.36 -5.46 17.22
CA MET A 229 -22.09 -4.96 16.66
C MET A 229 -21.64 -5.78 15.45
N ARG A 230 -20.94 -5.11 14.53
CA ARG A 230 -20.30 -5.72 13.36
C ARG A 230 -18.89 -5.19 13.20
N ILE A 231 -17.92 -6.10 13.09
CA ILE A 231 -16.51 -5.75 12.83
C ILE A 231 -16.06 -6.37 11.48
N TYR A 232 -15.31 -5.59 10.71
CA TYR A 232 -14.84 -5.98 9.37
C TYR A 232 -13.33 -5.91 9.31
N PHE A 233 -12.72 -6.85 8.59
CA PHE A 233 -11.29 -6.83 8.30
C PHE A 233 -11.02 -7.48 6.95
N VAL A 234 -9.78 -7.29 6.46
CA VAL A 234 -9.34 -7.95 5.22
C VAL A 234 -8.56 -9.20 5.57
N ASN A 235 -9.14 -10.35 5.20
CA ASN A 235 -8.53 -11.63 5.50
C ASN A 235 -7.54 -12.00 4.40
N SER A 236 -6.83 -13.11 4.57
CA SER A 236 -5.75 -13.50 3.65
C SER A 236 -6.24 -13.94 2.28
N ASP A 237 -7.55 -14.08 2.12
CA ASP A 237 -8.16 -14.43 0.84
C ASP A 237 -8.54 -13.19 0.03
N ASN A 238 -8.05 -12.02 0.46
CA ASN A 238 -8.33 -10.77 -0.22
C ASN A 238 -9.83 -10.49 -0.37
N THR A 239 -10.54 -10.77 0.71
CA THR A 239 -11.93 -10.41 0.87
C THR A 239 -12.12 -9.70 2.26
N ILE A 240 -13.14 -8.87 2.37
CA ILE A 240 -13.57 -8.37 3.67
C ILE A 240 -14.33 -9.51 4.36
N TRP A 241 -13.98 -9.78 5.61
CA TRP A 241 -14.72 -10.71 6.47
C TRP A 241 -15.45 -9.93 7.52
N GLN A 242 -16.64 -10.41 7.91
CA GLN A 242 -17.47 -9.81 9.00
C GLN A 242 -17.52 -10.70 10.27
N VAL A 243 -17.49 -10.07 11.43
CA VAL A 243 -17.69 -10.77 12.71
C VAL A 243 -18.93 -10.12 13.34
N CYS A 244 -19.94 -10.92 13.72
CA CYS A 244 -21.14 -10.39 14.38
C CYS A 244 -21.25 -10.62 15.89
N TRP A 245 -21.56 -9.56 16.62
CA TRP A 245 -22.20 -9.62 17.92
C TRP A 245 -23.67 -9.30 17.76
N ASP A 246 -24.49 -10.22 18.27
CA ASP A 246 -25.95 -10.05 18.28
C ASP A 246 -26.43 -10.39 19.68
N HIS A 247 -27.36 -9.56 20.17
CA HIS A 247 -27.77 -9.71 21.56
C HIS A 247 -28.39 -11.06 21.79
N GLY A 248 -27.92 -11.71 22.86
CA GLY A 248 -28.40 -13.03 23.26
C GLY A 248 -27.63 -14.16 22.60
N LYS A 249 -26.77 -13.83 21.62
CA LYS A 249 -25.93 -14.83 20.97
C LYS A 249 -24.43 -14.59 21.14
N GLY A 250 -24.03 -13.36 21.48
CA GLY A 250 -22.60 -13.06 21.61
C GLY A 250 -21.91 -13.05 20.24
N TYR A 251 -20.60 -13.32 20.23
CA TYR A 251 -19.83 -13.40 18.98
C TYR A 251 -20.06 -14.74 18.28
N HIS A 252 -21.05 -14.78 17.40
CA HIS A 252 -21.62 -16.05 16.98
C HIS A 252 -21.55 -16.34 15.50
N ASP A 253 -21.00 -15.43 14.71
CA ASP A 253 -20.97 -15.58 13.25
C ASP A 253 -19.74 -14.89 12.68
N LYS A 254 -19.10 -15.55 11.73
CA LYS A 254 -17.99 -14.96 10.98
C LYS A 254 -18.01 -15.52 9.58
N GLY A 255 -17.69 -14.68 8.60
CA GLY A 255 -17.67 -15.13 7.21
C GLY A 255 -17.31 -13.99 6.28
N THR A 256 -17.03 -14.35 5.03
CA THR A 256 -16.60 -13.41 4.00
C THR A 256 -17.79 -12.60 3.57
N ILE A 257 -17.54 -11.36 3.15
CA ILE A 257 -18.56 -10.46 2.60
C ILE A 257 -18.34 -10.14 1.12
N THR A 258 -17.15 -9.67 0.76
CA THR A 258 -16.92 -9.26 -0.60
C THR A 258 -15.42 -9.20 -0.94
N PRO A 259 -15.05 -9.46 -2.20
CA PRO A 259 -13.65 -9.34 -2.57
C PRO A 259 -13.18 -7.88 -2.64
N VAL A 260 -11.92 -7.68 -2.30
CA VAL A 260 -11.23 -6.39 -2.37
C VAL A 260 -9.86 -6.57 -2.96
N ILE A 261 -9.22 -5.46 -3.32
CA ILE A 261 -7.80 -5.47 -3.71
C ILE A 261 -6.94 -5.83 -2.52
N GLN A 262 -5.77 -6.42 -2.81
CA GLN A 262 -4.76 -6.66 -1.80
C GLN A 262 -4.47 -5.36 -1.03
N GLY A 263 -4.49 -5.46 0.31
CA GLY A 263 -4.30 -4.32 1.21
C GLY A 263 -5.29 -3.17 1.14
N SER A 264 -6.54 -3.42 0.70
CA SER A 264 -7.60 -2.42 0.79
C SER A 264 -7.88 -2.00 2.24
N GLU A 265 -8.16 -0.70 2.39
CA GLU A 265 -8.73 -0.17 3.62
C GLU A 265 -10.25 -0.32 3.52
N VAL A 266 -10.92 -0.10 4.67
CA VAL A 266 -12.37 -0.37 4.79
C VAL A 266 -13.03 0.64 5.72
N ALA A 267 -14.22 1.09 5.34
CA ALA A 267 -15.06 1.93 6.21
C ALA A 267 -16.45 1.30 6.26
N ILE A 268 -17.08 1.44 7.43
CA ILE A 268 -18.41 0.94 7.69
C ILE A 268 -19.28 2.04 8.29
N ILE A 269 -20.51 2.17 7.79
CA ILE A 269 -21.53 2.98 8.50
C ILE A 269 -22.80 2.13 8.69
N SER A 270 -23.65 2.50 9.66
CA SER A 270 -24.95 1.84 9.83
C SER A 270 -26.01 2.81 10.38
N TRP A 271 -27.27 2.40 10.25
CA TRP A 271 -28.40 3.05 10.90
C TRP A 271 -29.57 2.12 11.00
N GLY A 272 -30.42 2.39 11.99
CA GLY A 272 -31.65 1.61 12.19
C GLY A 272 -31.38 0.39 13.04
N SER A 273 -32.30 -0.57 12.98
CA SER A 273 -32.28 -1.65 13.95
C SER A 273 -33.15 -2.78 13.46
N PHE A 274 -32.88 -3.98 13.98
CA PHE A 274 -33.72 -5.14 13.68
C PHE A 274 -35.17 -4.91 14.10
N ALA A 275 -35.39 -4.23 15.22
CA ALA A 275 -36.77 -4.00 15.69
C ALA A 275 -37.58 -3.09 14.78
N ASN A 276 -36.93 -2.24 13.98
CA ASN A 276 -37.60 -1.23 13.14
C ASN A 276 -37.25 -1.33 11.65
N ASN A 277 -37.33 -2.52 11.09
CA ASN A 277 -37.11 -2.70 9.67
C ASN A 277 -35.69 -2.46 9.17
N GLY A 278 -34.71 -2.68 10.04
CA GLY A 278 -33.30 -2.56 9.66
C GLY A 278 -32.49 -3.72 10.24
N PRO A 279 -31.18 -3.51 10.40
CA PRO A 279 -30.48 -2.26 10.07
C PRO A 279 -30.24 -2.07 8.57
N ASP A 280 -29.59 -0.95 8.24
CA ASP A 280 -28.93 -0.74 6.97
C ASP A 280 -27.43 -0.64 7.25
N LEU A 281 -26.64 -1.33 6.43
CA LEU A 281 -25.20 -1.25 6.50
C LEU A 281 -24.69 -0.78 5.15
N ARG A 282 -23.59 -0.01 5.18
CA ARG A 282 -22.86 0.37 3.96
C ARG A 282 -21.37 0.23 4.24
N LEU A 283 -20.68 -0.55 3.41
CA LEU A 283 -19.22 -0.70 3.44
C LEU A 283 -18.58 0.02 2.23
N TYR A 284 -17.43 0.66 2.43
CA TYR A 284 -16.62 1.27 1.35
C TYR A 284 -15.21 0.70 1.39
N PHE A 285 -14.64 0.54 0.20
CA PHE A 285 -13.39 -0.21 0.05
C PHE A 285 -12.92 -0.05 -1.39
N GLN A 286 -11.78 -0.65 -1.73
CA GLN A 286 -11.35 -0.71 -3.10
C GLN A 286 -11.37 -2.16 -3.57
N ASN A 287 -12.02 -2.43 -4.71
CA ASN A 287 -12.05 -3.80 -5.25
C ASN A 287 -11.52 -3.93 -6.70
N GLY A 288 -10.98 -2.84 -7.24
CA GLY A 288 -10.44 -2.82 -8.60
C GLY A 288 -11.33 -2.24 -9.67
N THR A 289 -12.52 -1.78 -9.30
CA THR A 289 -13.40 -1.08 -10.24
C THR A 289 -12.68 0.19 -10.76
N TYR A 290 -12.66 0.35 -12.09
CA TYR A 290 -11.79 1.34 -12.76
C TYR A 290 -10.37 1.46 -12.15
N ILE A 291 -9.84 0.29 -11.79
CA ILE A 291 -8.56 0.12 -11.08
C ILE A 291 -8.50 0.64 -9.64
N SER A 292 -8.69 1.95 -9.48
CA SER A 292 -8.45 2.63 -8.21
C SER A 292 -9.69 3.32 -7.61
N ALA A 293 -10.88 3.14 -8.21
CA ALA A 293 -12.08 3.74 -7.65
C ALA A 293 -12.45 3.09 -6.31
N VAL A 294 -13.18 3.84 -5.49
CA VAL A 294 -13.79 3.31 -4.27
C VAL A 294 -15.16 2.73 -4.64
N SER A 295 -15.45 1.56 -4.07
CA SER A 295 -16.71 0.83 -4.27
C SER A 295 -17.55 0.69 -2.96
N GLU A 296 -18.84 0.41 -3.16
CA GLU A 296 -19.80 0.27 -2.06
C GLU A 296 -20.46 -1.14 -2.00
N TRP A 297 -20.68 -1.61 -0.77
CA TRP A 297 -21.51 -2.78 -0.48
C TRP A 297 -22.70 -2.43 0.42
N VAL A 298 -23.84 -3.03 0.15
CA VAL A 298 -25.07 -2.70 0.88
C VAL A 298 -25.68 -3.91 1.59
N TRP A 299 -26.25 -3.66 2.76
CA TRP A 299 -27.15 -4.61 3.40
C TRP A 299 -28.31 -3.86 3.93
N ASN A 300 -29.51 -4.34 3.58
CA ASN A 300 -30.75 -3.90 4.16
C ASN A 300 -31.71 -5.11 4.28
N ARG A 301 -32.84 -4.90 4.96
CA ARG A 301 -33.83 -5.96 5.13
C ARG A 301 -34.46 -6.39 3.81
N ALA A 302 -34.76 -5.42 2.96
CA ALA A 302 -35.37 -5.67 1.65
C ALA A 302 -34.66 -6.77 0.86
N HIS A 303 -33.32 -6.68 0.73
CA HIS A 303 -32.56 -7.57 -0.16
C HIS A 303 -31.30 -8.19 0.37
N GLY A 304 -30.98 -7.97 1.64
CA GLY A 304 -29.77 -8.52 2.21
C GLY A 304 -28.51 -8.05 1.48
N SER A 305 -27.48 -8.88 1.47
CA SER A 305 -26.20 -8.55 0.89
C SER A 305 -26.27 -8.28 -0.60
N GLN A 306 -25.86 -7.08 -1.03
CA GLN A 306 -25.80 -6.70 -2.45
C GLN A 306 -24.69 -5.67 -2.71
N LEU A 307 -24.03 -5.75 -3.86
CA LEU A 307 -23.09 -4.68 -4.26
C LEU A 307 -23.85 -3.40 -4.48
N GLY A 308 -23.29 -2.28 -4.01
CA GLY A 308 -23.91 -0.95 -4.15
C GLY A 308 -23.26 -0.16 -5.27
N ARG A 309 -23.10 1.14 -5.09
CA ARG A 309 -22.50 1.99 -6.11
C ARG A 309 -21.15 1.42 -6.51
N SER A 310 -20.97 1.25 -7.83
CA SER A 310 -19.87 0.52 -8.38
C SER A 310 -18.58 1.28 -8.25
N ALA A 311 -18.63 2.55 -8.66
CA ALA A 311 -17.53 3.50 -8.54
C ALA A 311 -18.06 4.84 -8.00
N LEU A 312 -17.58 5.24 -6.83
CA LEU A 312 -17.98 6.49 -6.20
C LEU A 312 -17.37 7.70 -6.92
N PRO A 313 -18.05 8.86 -6.90
CA PRO A 313 -17.36 10.10 -7.35
C PRO A 313 -15.97 10.22 -6.70
N PRO A 314 -14.98 10.74 -7.44
CA PRO A 314 -15.06 11.33 -8.77
C PRO A 314 -14.92 10.36 -9.93
N ALA A 315 -15.21 9.07 -9.73
CA ALA A 315 -14.93 8.06 -10.77
C ALA A 315 -15.76 8.34 -12.00
N SER B 2 7.75 -7.24 16.43
CA SER B 2 8.62 -6.61 15.43
C SER B 2 9.99 -6.35 16.07
N THR B 3 10.83 -5.57 15.38
CA THR B 3 12.06 -5.04 15.97
C THR B 3 12.01 -3.55 15.70
N PRO B 4 12.79 -2.77 16.45
CA PRO B 4 12.78 -1.34 16.17
C PRO B 4 13.33 -1.00 14.77
N GLY B 5 14.33 -1.75 14.31
CA GLY B 5 14.87 -1.56 12.96
C GLY B 5 13.83 -1.86 11.89
N ALA B 6 13.11 -2.97 12.04
CA ALA B 6 12.09 -3.34 11.03
C ALA B 6 11.00 -2.27 10.96
N GLN B 7 10.70 -1.63 12.11
CA GLN B 7 9.69 -0.56 12.19
C GLN B 7 10.03 0.66 11.37
N GLN B 8 11.29 0.80 11.01
CA GLN B 8 11.73 1.92 10.17
C GLN B 8 11.44 1.71 8.68
N VAL B 9 11.19 0.47 8.26
CA VAL B 9 10.97 0.16 6.86
C VAL B 9 9.49 0.38 6.49
N LEU B 10 9.24 1.14 5.44
CA LEU B 10 7.87 1.45 5.04
C LEU B 10 7.19 0.21 4.56
N PHE B 11 5.96 -0.01 5.07
CA PHE B 11 5.09 -1.11 4.65
C PHE B 11 4.76 -0.92 3.16
N ARG B 12 5.03 -1.95 2.37
CA ARG B 12 4.90 -1.92 0.91
C ARG B 12 5.89 -0.97 0.24
N THR B 13 7.09 -0.85 0.81
CA THR B 13 8.15 -0.05 0.22
C THR B 13 8.45 -0.59 -1.17
N GLY B 14 8.76 0.33 -2.08
CA GLY B 14 9.41 -0.04 -3.31
C GLY B 14 10.74 -0.69 -2.91
N ILE B 15 11.20 -1.63 -3.73
CA ILE B 15 12.49 -2.32 -3.53
C ILE B 15 13.21 -2.46 -4.87
N ALA B 16 14.52 -2.22 -4.87
CA ALA B 16 15.40 -2.46 -5.98
C ALA B 16 16.70 -3.02 -5.45
N ALA B 17 17.46 -3.65 -6.34
CA ALA B 17 18.66 -4.38 -5.99
C ALA B 17 19.61 -4.33 -7.16
N VAL B 18 20.91 -4.22 -6.87
CA VAL B 18 21.98 -4.28 -7.86
C VAL B 18 23.08 -5.15 -7.28
N ASN B 19 23.99 -5.60 -8.14
CA ASN B 19 25.04 -6.56 -7.73
C ASN B 19 26.23 -6.64 -8.67
N SER B 20 27.33 -7.19 -8.14
CA SER B 20 28.44 -7.69 -8.94
C SER B 20 28.74 -9.08 -8.39
N THR B 21 28.42 -10.13 -9.16
CA THR B 21 28.31 -11.47 -8.64
C THR B 21 27.63 -11.42 -7.23
N ASN B 22 28.26 -12.00 -6.19
CA ASN B 22 27.63 -12.10 -4.86
C ASN B 22 27.92 -10.88 -3.94
N HIS B 23 28.31 -9.76 -4.56
CA HIS B 23 28.39 -8.46 -3.91
C HIS B 23 27.13 -7.71 -4.18
N LEU B 24 26.35 -7.44 -3.12
CA LEU B 24 24.96 -6.99 -3.28
C LEU B 24 24.66 -5.65 -2.67
N ARG B 25 23.68 -4.95 -3.23
CA ARG B 25 23.13 -3.76 -2.60
C ARG B 25 21.61 -3.79 -2.74
N VAL B 26 20.90 -3.36 -1.70
CA VAL B 26 19.43 -3.30 -1.76
C VAL B 26 18.94 -1.95 -1.28
N TYR B 27 18.04 -1.35 -2.06
CA TYR B 27 17.44 -0.04 -1.77
C TYR B 27 15.96 -0.14 -1.45
N PHE B 28 15.53 0.69 -0.49
CA PHE B 28 14.18 0.70 0.00
C PHE B 28 13.88 2.05 0.59
N GLN B 29 12.60 2.32 0.83
CA GLN B 29 12.16 3.57 1.49
C GLN B 29 11.81 3.34 2.96
N ASP B 30 12.24 4.25 3.82
CA ASP B 30 11.85 4.21 5.24
C ASP B 30 10.52 4.94 5.43
N VAL B 31 10.02 4.92 6.67
CA VAL B 31 8.71 5.50 6.98
C VAL B 31 8.65 7.03 6.83
N TYR B 32 9.82 7.69 6.84
CA TYR B 32 9.90 9.13 6.59
C TYR B 32 10.10 9.56 5.13
N GLY B 33 10.22 8.64 4.19
CA GLY B 33 10.37 9.01 2.78
C GLY B 33 11.79 8.96 2.25
N SER B 34 12.74 8.60 3.09
CA SER B 34 14.14 8.53 2.68
C SER B 34 14.48 7.19 2.05
N ILE B 35 15.32 7.23 1.02
CA ILE B 35 15.81 6.03 0.38
C ILE B 35 17.14 5.59 1.02
N ARG B 36 17.17 4.36 1.51
CA ARG B 36 18.31 3.79 2.22
C ARG B 36 18.90 2.66 1.41
N GLU B 37 20.18 2.40 1.66
CA GLU B 37 20.93 1.28 1.10
C GLU B 37 21.35 0.30 2.19
N SER B 38 20.99 -0.96 2.00
CA SER B 38 21.59 -2.07 2.75
C SER B 38 22.58 -2.77 1.83
N LEU B 39 23.52 -3.50 2.40
CA LEU B 39 24.69 -3.97 1.65
C LEU B 39 25.05 -5.39 2.06
N TYR B 40 25.54 -6.20 1.13
CA TYR B 40 26.15 -7.50 1.47
C TYR B 40 27.56 -7.59 0.87
N GLU B 41 28.56 -7.57 1.74
CA GLU B 41 29.94 -7.84 1.34
C GLU B 41 30.48 -8.87 2.30
N GLY B 42 30.08 -10.12 2.11
CA GLY B 42 30.40 -11.21 3.03
C GLY B 42 29.31 -11.39 4.08
N SER B 43 28.80 -10.27 4.59
CA SER B 43 27.66 -10.32 5.48
C SER B 43 26.84 -9.06 5.34
N TRP B 44 25.66 -9.09 5.92
CA TRP B 44 24.66 -8.01 5.77
C TRP B 44 24.94 -6.83 6.63
N ALA B 45 24.80 -5.63 6.08
CA ALA B 45 25.08 -4.39 6.84
C ALA B 45 24.21 -3.23 6.39
N ASN B 46 24.20 -2.21 7.23
CA ASN B 46 23.73 -0.89 6.88
C ASN B 46 22.21 -0.77 6.84
N GLY B 47 21.67 0.07 5.95
CA GLY B 47 20.24 0.35 5.94
C GLY B 47 19.72 1.16 7.11
N THR B 48 20.63 1.89 7.78
CA THR B 48 20.27 2.74 8.90
C THR B 48 20.09 4.18 8.42
N GLU B 49 19.80 5.09 9.36
CA GLU B 49 19.56 6.50 9.07
C GLU B 49 20.82 7.13 8.48
N LYS B 50 21.98 6.57 8.83
CA LYS B 50 23.27 7.03 8.28
C LYS B 50 23.57 6.54 6.86
N ASN B 51 22.75 5.64 6.34
CA ASN B 51 22.90 5.12 4.99
C ASN B 51 21.81 5.65 4.08
N VAL B 52 21.42 6.90 4.26
CA VAL B 52 20.39 7.50 3.41
C VAL B 52 21.04 8.10 2.18
N ILE B 53 20.56 7.78 0.98
CA ILE B 53 21.15 8.35 -0.26
C ILE B 53 20.30 9.48 -0.85
N GLY B 54 19.11 9.68 -0.29
CA GLY B 54 18.21 10.72 -0.76
C GLY B 54 16.81 10.57 -0.24
N ASN B 55 15.91 11.43 -0.67
CA ASN B 55 14.49 11.36 -0.32
C ASN B 55 13.65 11.37 -1.54
N ALA B 56 12.44 10.82 -1.41
CA ALA B 56 11.46 10.72 -2.49
C ALA B 56 10.06 10.81 -1.89
N LYS B 57 9.06 11.10 -2.71
CA LYS B 57 7.68 11.09 -2.20
C LYS B 57 7.37 9.76 -1.51
N LEU B 58 6.58 9.83 -0.43
CA LEU B 58 6.17 8.64 0.28
C LEU B 58 5.37 7.70 -0.62
N GLY B 59 5.79 6.42 -0.64
CA GLY B 59 5.21 5.44 -1.57
C GLY B 59 5.82 5.44 -2.98
N SER B 60 6.88 6.23 -3.19
CA SER B 60 7.56 6.28 -4.50
C SER B 60 7.95 4.88 -5.01
N PRO B 61 7.89 4.66 -6.34
CA PRO B 61 8.58 3.48 -6.88
C PRO B 61 10.07 3.64 -6.65
N VAL B 62 10.78 2.52 -6.55
CA VAL B 62 12.24 2.54 -6.41
C VAL B 62 12.79 1.55 -7.43
N ALA B 63 13.60 2.04 -8.37
CA ALA B 63 14.30 1.18 -9.34
C ALA B 63 15.81 1.45 -9.28
N ALA B 64 16.60 0.46 -9.68
CA ALA B 64 18.06 0.65 -9.66
C ALA B 64 18.70 -0.20 -10.73
N THR B 65 19.78 0.29 -11.32
CA THR B 65 20.56 -0.50 -12.26
C THR B 65 22.03 -0.22 -12.02
N SER B 66 22.91 -1.13 -12.44
CA SER B 66 24.36 -0.95 -12.24
C SER B 66 25.22 -1.53 -13.34
N LYS B 67 26.49 -1.12 -13.36
CA LYS B 67 27.56 -1.81 -14.09
C LYS B 67 28.50 -2.33 -13.01
N GLU B 68 28.45 -3.64 -12.77
CA GLU B 68 28.99 -4.23 -11.54
C GLU B 68 28.62 -3.35 -10.34
N LEU B 69 29.56 -3.01 -9.46
CA LEU B 69 29.30 -1.98 -8.45
C LEU B 69 30.14 -0.74 -8.70
N LYS B 70 30.60 -0.58 -9.94
CA LYS B 70 31.39 0.57 -10.32
C LYS B 70 30.49 1.78 -10.57
N HIS B 71 29.34 1.55 -11.21
CA HIS B 71 28.38 2.61 -11.49
C HIS B 71 27.02 2.13 -11.05
N ILE B 72 26.40 2.85 -10.12
CA ILE B 72 25.05 2.51 -9.67
C ILE B 72 24.15 3.68 -9.87
N ARG B 73 22.92 3.44 -10.35
CA ARG B 73 21.92 4.49 -10.52
C ARG B 73 20.58 4.09 -9.86
N VAL B 74 20.00 4.97 -9.05
CA VAL B 74 18.77 4.66 -8.31
C VAL B 74 17.73 5.71 -8.68
N TYR B 75 16.59 5.28 -9.19
CA TYR B 75 15.54 6.17 -9.69
C TYR B 75 14.28 6.13 -8.82
N THR B 76 13.76 7.31 -8.48
CA THR B 76 12.51 7.47 -7.72
C THR B 76 11.76 8.69 -8.23
N LEU B 77 10.68 9.08 -7.55
CA LEU B 77 9.85 10.23 -7.91
C LEU B 77 9.90 11.32 -6.85
N THR B 78 10.04 12.56 -7.33
CA THR B 78 9.89 13.73 -6.46
C THR B 78 8.42 13.91 -6.03
N GLU B 79 8.19 14.75 -5.04
CA GLU B 79 6.84 15.15 -4.62
C GLU B 79 6.05 15.72 -5.80
N GLY B 80 6.75 16.41 -6.69
CA GLY B 80 6.19 16.93 -7.93
C GLY B 80 5.96 15.91 -9.05
N ASN B 81 6.21 14.63 -8.78
CA ASN B 81 6.00 13.56 -9.77
C ASN B 81 6.86 13.72 -11.01
N THR B 82 8.10 14.14 -10.76
CA THR B 82 9.16 14.07 -11.75
C THR B 82 10.20 13.02 -11.37
N LEU B 83 10.73 12.36 -12.40
CA LEU B 83 11.82 11.40 -12.27
C LEU B 83 13.06 12.07 -11.72
N GLN B 84 13.75 11.42 -10.79
CA GLN B 84 15.05 11.85 -10.28
C GLN B 84 15.97 10.66 -10.14
N GLU B 85 17.24 10.95 -9.86
CA GLU B 85 18.32 9.98 -9.92
C GLU B 85 19.34 10.17 -8.79
N PHE B 86 19.63 9.11 -8.07
CA PHE B 86 20.81 9.11 -7.24
C PHE B 86 21.87 8.25 -7.90
N ALA B 87 23.10 8.79 -8.00
CA ALA B 87 24.15 8.13 -8.77
C ALA B 87 25.38 7.84 -7.90
N TYR B 88 25.98 6.66 -8.06
CA TYR B 88 27.25 6.35 -7.44
C TYR B 88 28.28 6.02 -8.54
N ASP B 89 29.49 6.56 -8.44
CA ASP B 89 30.65 6.09 -9.24
C ASP B 89 31.82 5.85 -8.28
N SER B 90 32.49 4.70 -8.40
CA SER B 90 33.74 4.48 -7.66
C SER B 90 34.63 5.70 -7.83
N GLY B 91 35.26 6.14 -6.75
CA GLY B 91 36.12 7.30 -6.80
C GLY B 91 35.43 8.63 -6.57
N THR B 92 34.12 8.68 -6.78
CA THR B 92 33.36 9.90 -6.55
C THR B 92 32.47 9.80 -5.31
N GLY B 93 31.85 8.65 -5.10
CA GLY B 93 30.82 8.54 -4.08
C GLY B 93 29.46 8.82 -4.69
N TRP B 94 28.53 9.21 -3.82
CA TRP B 94 27.13 9.46 -4.18
C TRP B 94 26.90 10.88 -4.58
N TYR B 95 26.02 11.09 -5.57
CA TYR B 95 25.61 12.42 -5.96
C TYR B 95 24.29 12.42 -6.68
N ASN B 96 23.61 13.56 -6.68
CA ASN B 96 22.40 13.64 -7.46
C ASN B 96 22.71 13.77 -8.97
N GLY B 97 22.18 12.85 -9.73
CA GLY B 97 22.49 12.80 -11.14
C GLY B 97 21.72 13.84 -11.92
N GLY B 98 22.13 13.97 -13.17
CA GLY B 98 21.59 14.96 -14.10
C GLY B 98 20.13 14.78 -14.49
N LEU B 99 19.53 13.64 -14.18
CA LEU B 99 18.19 13.32 -14.68
C LEU B 99 17.12 14.34 -14.30
N GLY B 100 17.15 14.79 -13.05
CA GLY B 100 16.22 15.83 -12.58
C GLY B 100 16.24 17.12 -13.38
N GLY B 101 17.40 17.43 -13.99
CA GLY B 101 17.54 18.57 -14.91
C GLY B 101 16.55 18.58 -16.07
N ALA B 102 16.05 17.40 -16.45
CA ALA B 102 15.13 17.29 -17.58
C ALA B 102 13.68 17.51 -17.18
N LYS B 103 13.36 17.42 -15.90
CA LYS B 103 11.97 17.64 -15.44
C LYS B 103 10.91 16.78 -16.13
N PHE B 104 11.23 15.51 -16.35
CA PHE B 104 10.26 14.60 -16.92
C PHE B 104 9.11 14.37 -15.91
N GLN B 105 7.92 14.86 -16.29
CA GLN B 105 6.71 14.65 -15.53
C GLN B 105 6.05 13.31 -15.89
N VAL B 106 5.73 12.52 -14.88
CA VAL B 106 5.01 11.27 -15.09
C VAL B 106 3.72 11.30 -14.28
N ALA B 107 2.82 10.38 -14.59
CA ALA B 107 1.66 10.08 -13.77
C ALA B 107 2.01 9.91 -12.29
N PRO B 108 1.16 10.40 -11.38
CA PRO B 108 1.48 10.31 -9.95
C PRO B 108 1.58 8.88 -9.48
N TYR B 109 0.91 7.97 -10.20
CA TYR B 109 0.92 6.54 -9.89
C TYR B 109 1.92 5.75 -10.76
N SER B 110 2.86 6.44 -11.42
CA SER B 110 3.83 5.75 -12.28
C SER B 110 4.80 4.88 -11.50
N CYS B 111 5.10 3.70 -12.06
CA CYS B 111 6.26 2.91 -11.64
C CYS B 111 7.48 3.29 -12.51
N ILE B 112 8.64 2.70 -12.18
CA ILE B 112 9.88 2.93 -12.92
C ILE B 112 10.70 1.66 -13.11
N ALA B 113 11.28 1.50 -14.30
CA ALA B 113 12.29 0.44 -14.52
C ALA B 113 13.50 1.05 -15.15
N ALA B 114 14.67 0.46 -14.92
CA ALA B 114 15.90 1.04 -15.44
C ALA B 114 16.91 -0.04 -15.80
N VAL B 115 17.63 0.19 -16.91
CA VAL B 115 18.67 -0.71 -17.38
C VAL B 115 19.85 0.11 -17.93
N PHE B 116 21.07 -0.29 -17.59
CA PHE B 116 22.25 0.02 -18.39
C PHE B 116 22.20 -0.95 -19.58
N LEU B 117 22.55 -0.47 -20.77
CA LEU B 117 22.54 -1.35 -21.95
C LEU B 117 23.71 -2.32 -21.83
N ALA B 118 23.48 -3.61 -22.11
CA ALA B 118 24.50 -4.66 -21.96
C ALA B 118 25.49 -4.64 -23.12
N GLY B 119 26.67 -5.17 -22.83
CA GLY B 119 27.62 -5.51 -23.87
C GLY B 119 28.41 -4.30 -24.33
N THR B 120 28.47 -3.27 -23.51
CA THR B 120 29.35 -2.11 -23.77
C THR B 120 29.89 -1.47 -22.51
N ASP B 121 31.19 -1.11 -22.56
CA ASP B 121 31.83 -0.29 -21.52
C ASP B 121 31.26 1.13 -21.43
N ALA B 122 30.65 1.63 -22.50
CA ALA B 122 30.01 2.97 -22.49
C ALA B 122 28.76 3.04 -21.57
N LEU B 123 28.54 4.16 -20.89
CA LEU B 123 27.37 4.32 -20.01
C LEU B 123 26.11 4.82 -20.75
N GLN B 124 25.25 3.88 -21.11
CA GLN B 124 24.02 4.16 -21.86
C GLN B 124 22.83 3.69 -21.02
N LEU B 125 21.88 4.58 -20.72
CA LEU B 125 20.79 4.23 -19.84
C LEU B 125 19.50 4.32 -20.60
N ARG B 126 18.59 3.44 -20.23
CA ARG B 126 17.20 3.52 -20.68
C ARG B 126 16.33 3.32 -19.45
N ILE B 127 15.49 4.32 -19.19
CA ILE B 127 14.49 4.32 -18.09
C ILE B 127 13.11 4.28 -18.68
N TYR B 128 12.21 3.54 -18.02
CA TYR B 128 10.82 3.42 -18.43
C TYR B 128 9.87 3.88 -17.31
N ALA B 129 8.85 4.65 -17.66
CA ALA B 129 7.84 5.07 -16.71
C ALA B 129 6.57 5.35 -17.47
N GLN B 130 5.53 5.81 -16.77
CA GLN B 130 4.20 6.01 -17.35
C GLN B 130 3.77 7.47 -17.30
N LYS B 131 3.52 8.05 -18.47
CA LYS B 131 3.02 9.41 -18.58
C LYS B 131 1.52 9.56 -18.14
N PRO B 132 1.04 10.81 -17.97
CA PRO B 132 -0.36 11.01 -17.53
C PRO B 132 -1.40 10.43 -18.50
N ASP B 133 -1.06 10.30 -19.78
CA ASP B 133 -1.92 9.58 -20.71
C ASP B 133 -1.80 8.05 -20.62
N ASN B 134 -1.05 7.54 -19.63
CA ASN B 134 -0.97 6.09 -19.35
C ASN B 134 -0.11 5.27 -20.34
N THR B 135 0.56 5.93 -21.28
CA THR B 135 1.48 5.27 -22.16
C THR B 135 2.81 5.09 -21.44
N ILE B 136 3.49 4.01 -21.79
CA ILE B 136 4.84 3.74 -21.28
C ILE B 136 5.86 4.49 -22.15
N GLN B 137 6.61 5.39 -21.52
CA GLN B 137 7.65 6.18 -22.20
C GLN B 137 9.04 5.72 -21.78
N GLU B 138 9.94 5.65 -22.77
CA GLU B 138 11.35 5.40 -22.62
C GLU B 138 12.08 6.73 -22.59
N TYR B 139 13.07 6.83 -21.72
CA TYR B 139 13.90 8.02 -21.56
C TYR B 139 15.35 7.51 -21.69
N MET B 140 16.20 8.29 -22.36
CA MET B 140 17.53 7.83 -22.77
C MET B 140 18.63 8.78 -22.35
N TRP B 141 19.72 8.18 -21.91
CA TRP B 141 20.99 8.87 -21.81
C TRP B 141 22.03 8.13 -22.62
N ASN B 142 22.64 8.81 -23.59
CA ASN B 142 23.71 8.25 -24.39
C ASN B 142 25.00 9.09 -24.26
N GLY B 143 25.27 9.63 -23.08
CA GLY B 143 26.52 10.32 -22.79
C GLY B 143 26.55 11.79 -23.11
N ASP B 144 25.42 12.37 -23.51
CA ASP B 144 25.38 13.79 -23.85
C ASP B 144 23.98 14.37 -23.62
N GLY B 145 23.45 14.15 -22.43
CA GLY B 145 22.12 14.66 -22.08
C GLY B 145 20.95 13.68 -22.20
N TRP B 146 19.97 13.89 -21.32
CA TRP B 146 18.77 13.08 -21.27
C TRP B 146 17.79 13.52 -22.30
N LYS B 147 17.13 12.58 -22.97
CA LYS B 147 15.96 12.86 -23.83
C LYS B 147 15.01 11.69 -23.89
N GLU B 148 13.81 11.93 -24.39
CA GLU B 148 12.84 10.91 -24.60
C GLU B 148 13.28 10.01 -25.75
N GLY B 149 13.12 8.69 -25.56
CA GLY B 149 13.30 7.72 -26.63
C GLY B 149 11.93 7.30 -27.09
N THR B 150 11.75 6.01 -27.33
CA THR B 150 10.53 5.52 -27.93
C THR B 150 9.38 5.47 -26.93
N ASN B 151 8.18 5.81 -27.39
CA ASN B 151 6.95 5.60 -26.63
C ASN B 151 6.41 4.22 -26.95
N LEU B 152 6.10 3.44 -25.92
CA LEU B 152 5.74 2.03 -26.13
C LEU B 152 4.25 1.72 -25.93
N GLY B 153 3.43 2.76 -25.82
CA GLY B 153 1.99 2.60 -25.95
C GLY B 153 1.34 2.42 -24.60
N GLY B 154 0.05 2.18 -24.62
CA GLY B 154 -0.79 2.21 -23.44
C GLY B 154 -0.62 1.00 -22.55
N ALA B 155 -0.91 1.23 -21.28
CA ALA B 155 -0.80 0.22 -20.29
C ALA B 155 -1.70 0.55 -19.13
N LEU B 156 -1.92 -0.43 -18.24
CA LEU B 156 -2.83 -0.22 -17.12
C LEU B 156 -2.31 0.92 -16.25
N PRO B 157 -3.20 1.86 -15.87
CA PRO B 157 -2.70 2.98 -15.03
C PRO B 157 -2.14 2.51 -13.70
N GLY B 158 -0.85 2.74 -13.47
CA GLY B 158 -0.17 2.29 -12.26
C GLY B 158 0.47 0.92 -12.39
N THR B 159 0.59 0.42 -13.61
CA THR B 159 1.20 -0.86 -13.90
C THR B 159 2.60 -0.94 -13.31
N GLY B 160 2.94 -2.13 -12.84
CA GLY B 160 4.32 -2.48 -12.56
C GLY B 160 5.06 -2.51 -13.90
N ILE B 161 6.37 -2.31 -13.85
CA ILE B 161 7.22 -2.36 -15.04
C ILE B 161 8.56 -3.04 -14.71
N GLY B 162 8.89 -4.11 -15.44
CA GLY B 162 10.16 -4.81 -15.29
C GLY B 162 10.94 -4.67 -16.59
N ALA B 163 12.27 -4.75 -16.49
CA ALA B 163 13.12 -4.59 -17.66
C ALA B 163 14.46 -5.29 -17.49
N THR B 164 15.09 -5.65 -18.59
CA THR B 164 16.41 -6.20 -18.56
C THR B 164 17.04 -5.91 -19.92
N SER B 165 18.36 -5.75 -19.95
CA SER B 165 19.12 -5.70 -21.22
C SER B 165 20.17 -6.79 -21.23
N PHE B 166 20.31 -7.49 -22.36
CA PHE B 166 21.36 -8.45 -22.55
C PHE B 166 21.91 -8.23 -23.99
N ARG B 167 23.01 -8.90 -24.30
CA ARG B 167 23.59 -8.79 -25.62
C ARG B 167 23.99 -10.17 -26.05
N TYR B 168 23.34 -10.65 -27.10
CA TYR B 168 23.69 -11.93 -27.63
C TYR B 168 25.12 -11.86 -28.24
N THR B 169 25.88 -12.94 -28.04
CA THR B 169 27.28 -12.97 -28.41
C THR B 169 27.47 -12.97 -29.95
N ASP B 170 26.39 -13.21 -30.70
CA ASP B 170 26.42 -13.13 -32.14
C ASP B 170 25.78 -11.86 -32.70
N TYR B 171 25.39 -10.92 -31.84
CA TYR B 171 24.79 -9.65 -32.27
C TYR B 171 25.79 -8.49 -32.14
N ASN B 172 25.55 -7.41 -32.89
CA ASN B 172 26.46 -6.26 -32.95
C ASN B 172 26.01 -5.17 -31.99
N GLY B 173 25.00 -5.46 -31.18
CA GLY B 173 24.48 -4.51 -30.24
C GLY B 173 23.44 -5.09 -29.30
N PRO B 174 23.07 -4.30 -28.29
CA PRO B 174 22.25 -4.80 -27.18
C PRO B 174 20.78 -5.03 -27.51
N SER B 175 20.19 -5.96 -26.78
CA SER B 175 18.73 -6.19 -26.76
C SER B 175 18.14 -5.67 -25.42
N ILE B 176 16.84 -5.29 -25.48
CA ILE B 176 16.05 -4.88 -24.32
C ILE B 176 14.78 -5.70 -24.27
N ARG B 177 14.39 -6.13 -23.06
CA ARG B 177 13.07 -6.69 -22.85
C ARG B 177 12.43 -5.93 -21.69
N ILE B 178 11.18 -5.53 -21.87
CA ILE B 178 10.41 -4.98 -20.76
C ILE B 178 9.09 -5.74 -20.62
N TRP B 179 8.49 -5.67 -19.42
CA TRP B 179 7.20 -6.30 -19.12
C TRP B 179 6.31 -5.38 -18.34
N PHE B 180 4.99 -5.43 -18.62
CA PHE B 180 4.00 -4.61 -17.92
C PHE B 180 2.58 -5.18 -18.05
N GLN B 181 1.60 -4.47 -17.48
CA GLN B 181 0.23 -4.93 -17.43
C GLN B 181 -0.64 -4.07 -18.32
N THR B 182 -1.50 -4.71 -19.08
CA THR B 182 -2.40 -4.00 -20.00
C THR B 182 -3.80 -3.87 -19.36
N ASP B 183 -4.64 -3.01 -19.91
CA ASP B 183 -5.94 -2.73 -19.28
C ASP B 183 -6.77 -3.96 -18.99
N ASP B 184 -6.67 -5.01 -19.80
CA ASP B 184 -7.36 -6.30 -19.52
C ASP B 184 -6.73 -7.14 -18.38
N LEU B 185 -5.78 -6.56 -17.63
CA LEU B 185 -5.11 -7.23 -16.52
C LEU B 185 -4.05 -8.27 -16.94
N LYS B 186 -3.90 -8.51 -18.24
CA LYS B 186 -2.82 -9.42 -18.73
C LYS B 186 -1.45 -8.83 -18.41
N LEU B 187 -0.46 -9.72 -18.30
CA LEU B 187 0.97 -9.35 -18.28
C LEU B 187 1.59 -9.65 -19.64
N VAL B 188 2.30 -8.69 -20.22
CA VAL B 188 2.82 -8.79 -21.58
C VAL B 188 4.28 -8.38 -21.57
N GLN B 189 5.01 -8.90 -22.57
CA GLN B 189 6.37 -8.51 -22.90
C GLN B 189 6.38 -7.62 -24.12
N ARG B 190 7.19 -6.57 -24.10
CA ARG B 190 7.66 -5.90 -25.34
C ARG B 190 9.20 -6.07 -25.50
N ALA B 191 9.68 -6.03 -26.76
CA ALA B 191 11.03 -6.47 -27.11
C ALA B 191 11.72 -5.57 -28.12
N TYR B 192 12.99 -5.24 -27.84
CA TYR B 192 13.88 -4.48 -28.75
C TYR B 192 15.08 -5.37 -29.12
N ASP B 193 15.24 -5.63 -30.43
CA ASP B 193 16.49 -6.19 -31.01
C ASP B 193 17.01 -5.24 -32.09
N PRO B 194 18.35 -5.21 -32.29
CA PRO B 194 18.90 -4.27 -33.25
C PRO B 194 18.51 -4.43 -34.70
N HIS B 195 17.97 -5.57 -35.13
CA HIS B 195 17.45 -5.71 -36.53
C HIS B 195 16.00 -5.39 -36.71
N LYS B 196 15.21 -5.49 -35.63
CA LYS B 196 13.77 -5.25 -35.74
C LYS B 196 13.31 -4.06 -34.93
N GLY B 197 14.20 -3.34 -34.27
CA GLY B 197 13.79 -2.24 -33.41
C GLY B 197 12.85 -2.79 -32.33
N TRP B 198 11.90 -1.97 -31.88
CA TRP B 198 10.82 -2.48 -31.05
C TRP B 198 9.91 -3.36 -31.86
N TYR B 199 9.85 -4.65 -31.49
CA TYR B 199 8.93 -5.58 -32.16
C TYR B 199 7.51 -5.01 -32.04
N PRO B 200 6.67 -5.25 -33.07
CA PRO B 200 5.29 -4.80 -32.99
C PRO B 200 4.42 -5.58 -32.02
N ASP B 201 4.71 -6.85 -31.80
CA ASP B 201 3.82 -7.64 -30.97
C ASP B 201 4.08 -7.51 -29.47
N LEU B 202 2.98 -7.45 -28.71
CA LEU B 202 3.02 -7.63 -27.25
C LEU B 202 2.81 -9.13 -27.04
N VAL B 203 3.72 -9.79 -26.34
CA VAL B 203 3.64 -11.23 -26.10
C VAL B 203 3.10 -11.48 -24.70
N THR B 204 1.99 -12.20 -24.59
CA THR B 204 1.36 -12.44 -23.28
C THR B 204 2.17 -13.49 -22.49
N ILE B 205 2.48 -13.20 -21.23
CA ILE B 205 3.24 -14.14 -20.40
C ILE B 205 2.41 -14.66 -19.22
N PHE B 206 1.30 -13.99 -18.93
CA PHE B 206 0.37 -14.45 -17.91
C PHE B 206 -1.02 -13.87 -18.22
N ASP B 207 -2.03 -14.72 -18.15
CA ASP B 207 -3.34 -14.32 -18.66
C ASP B 207 -3.97 -13.24 -17.81
N ARG B 208 -3.91 -13.38 -16.50
CA ARG B 208 -4.62 -12.41 -15.65
C ARG B 208 -3.92 -12.26 -14.33
N ALA B 209 -3.59 -11.04 -13.96
CA ALA B 209 -2.89 -10.77 -12.69
C ALA B 209 -3.58 -9.64 -11.90
N PRO B 210 -3.31 -9.55 -10.59
CA PRO B 210 -3.93 -8.49 -9.83
C PRO B 210 -3.61 -7.10 -10.40
N PRO B 211 -4.55 -6.18 -10.28
CA PRO B 211 -4.31 -4.86 -10.81
C PRO B 211 -3.14 -4.14 -10.09
N ARG B 212 -2.17 -3.63 -10.87
CA ARG B 212 -1.01 -2.88 -10.37
C ARG B 212 -0.03 -3.74 -9.58
N THR B 213 -0.06 -5.04 -9.85
CA THR B 213 0.84 -5.94 -9.20
C THR B 213 2.30 -5.60 -9.53
N ALA B 214 3.19 -5.82 -8.57
CA ALA B 214 4.63 -5.72 -8.82
C ALA B 214 5.03 -6.61 -9.97
N ILE B 215 5.98 -6.11 -10.74
CA ILE B 215 6.61 -6.85 -11.83
C ILE B 215 8.12 -6.57 -11.80
N ALA B 216 8.94 -7.63 -11.71
CA ALA B 216 10.41 -7.55 -11.71
C ALA B 216 11.01 -8.63 -12.63
N ALA B 217 12.08 -8.32 -13.34
CA ALA B 217 12.64 -9.21 -14.32
C ALA B 217 14.17 -9.20 -14.30
N THR B 218 14.76 -10.32 -14.73
CA THR B 218 16.19 -10.44 -14.90
C THR B 218 16.51 -11.35 -16.10
N SER B 219 17.77 -11.34 -16.55
CA SER B 219 18.23 -12.25 -17.59
C SER B 219 19.71 -12.63 -17.36
N PHE B 220 20.08 -13.78 -17.90
CA PHE B 220 21.44 -14.32 -17.71
C PHE B 220 21.78 -15.32 -18.81
N GLY B 221 23.09 -15.63 -18.88
CA GLY B 221 23.67 -16.63 -19.81
C GLY B 221 23.51 -16.38 -21.30
N ALA B 222 23.53 -15.14 -21.73
CA ALA B 222 23.43 -14.81 -23.14
C ALA B 222 24.44 -15.64 -23.97
N GLY B 223 23.99 -16.24 -25.06
CA GLY B 223 24.89 -16.99 -25.95
C GLY B 223 24.60 -16.54 -27.37
N ASN B 224 24.85 -17.40 -28.36
CA ASN B 224 24.60 -17.04 -29.75
C ASN B 224 23.14 -17.21 -30.02
N SER B 225 22.44 -16.08 -30.12
CA SER B 225 21.01 -16.09 -30.35
C SER B 225 20.25 -16.80 -29.22
N SER B 226 20.83 -16.83 -28.02
CA SER B 226 20.26 -17.56 -26.88
C SER B 226 20.28 -16.70 -25.60
N ILE B 227 19.30 -16.93 -24.71
CA ILE B 227 19.11 -16.12 -23.49
C ILE B 227 18.22 -16.89 -22.51
N TYR B 228 18.34 -16.56 -21.23
CA TYR B 228 17.50 -17.10 -20.15
C TYR B 228 16.93 -15.88 -19.42
N MET B 229 15.62 -15.89 -19.17
CA MET B 229 14.93 -14.78 -18.49
C MET B 229 13.97 -15.30 -17.42
N ARG B 230 13.77 -14.50 -16.37
CA ARG B 230 12.83 -14.81 -15.30
C ARG B 230 12.06 -13.57 -14.96
N ILE B 231 10.73 -13.65 -14.98
CA ILE B 231 9.89 -12.53 -14.64
C ILE B 231 9.12 -12.87 -13.37
N TYR B 232 9.09 -11.96 -12.39
CA TYR B 232 8.37 -12.22 -11.13
C TYR B 232 7.18 -11.24 -10.94
N PHE B 233 6.09 -11.73 -10.36
CA PHE B 233 4.92 -10.89 -10.04
C PHE B 233 4.16 -11.45 -8.86
N VAL B 234 3.42 -10.60 -8.18
CA VAL B 234 2.60 -11.04 -7.06
C VAL B 234 1.22 -11.42 -7.58
N ASN B 235 0.85 -12.69 -7.33
CA ASN B 235 -0.38 -13.23 -7.88
C ASN B 235 -1.48 -13.10 -6.83
N SER B 236 -2.72 -13.38 -7.26
CA SER B 236 -3.89 -13.19 -6.40
C SER B 236 -3.92 -14.08 -5.17
N ASP B 237 -3.04 -15.09 -5.15
CA ASP B 237 -2.86 -15.95 -4.00
C ASP B 237 -1.86 -15.42 -2.97
N ASN B 238 -1.41 -14.17 -3.14
CA ASN B 238 -0.45 -13.54 -2.23
C ASN B 238 0.88 -14.30 -2.12
N THR B 239 1.35 -14.76 -3.28
CA THR B 239 2.69 -15.33 -3.43
C THR B 239 3.32 -14.73 -4.68
N ILE B 240 4.66 -14.67 -4.71
CA ILE B 240 5.37 -14.36 -5.95
C ILE B 240 5.31 -15.56 -6.87
N TRP B 241 4.94 -15.32 -8.13
CA TRP B 241 5.06 -16.33 -9.19
C TRP B 241 6.22 -15.98 -10.09
N GLN B 242 6.77 -16.99 -10.74
CA GLN B 242 7.88 -16.86 -11.66
C GLN B 242 7.44 -17.39 -13.04
N VAL B 243 7.75 -16.62 -14.08
CA VAL B 243 7.59 -17.03 -15.47
C VAL B 243 8.98 -17.22 -16.03
N CYS B 244 9.19 -18.35 -16.74
CA CYS B 244 10.51 -18.74 -17.25
C CYS B 244 10.61 -18.69 -18.77
N TRP B 245 11.65 -18.04 -19.27
CA TRP B 245 12.10 -18.24 -20.64
C TRP B 245 13.38 -18.99 -20.56
N ASP B 246 13.46 -20.16 -21.20
CA ASP B 246 14.75 -20.84 -21.31
C ASP B 246 15.05 -21.09 -22.79
N HIS B 247 16.33 -20.98 -23.15
CA HIS B 247 16.68 -21.12 -24.56
C HIS B 247 16.23 -22.46 -25.07
N GLY B 248 15.52 -22.47 -26.19
CA GLY B 248 15.07 -23.72 -26.80
C GLY B 248 13.71 -24.17 -26.32
N LYS B 249 13.22 -23.61 -25.22
CA LYS B 249 11.90 -23.95 -24.68
C LYS B 249 10.91 -22.80 -24.73
N GLY B 250 11.40 -21.57 -24.88
CA GLY B 250 10.56 -20.40 -24.88
C GLY B 250 9.96 -20.17 -23.50
N TYR B 251 8.77 -19.55 -23.49
CA TYR B 251 8.06 -19.26 -22.28
C TYR B 251 7.34 -20.53 -21.90
N HIS B 252 7.97 -21.31 -21.03
CA HIS B 252 7.55 -22.69 -20.83
C HIS B 252 7.11 -23.04 -19.45
N ASP B 253 7.29 -22.18 -18.48
CA ASP B 253 6.94 -22.59 -17.13
C ASP B 253 6.43 -21.40 -16.35
N LYS B 254 5.63 -21.71 -15.34
CA LYS B 254 5.17 -20.74 -14.41
C LYS B 254 4.63 -21.43 -13.15
N GLY B 255 4.92 -20.87 -11.98
CA GLY B 255 4.42 -21.39 -10.72
C GLY B 255 4.76 -20.45 -9.59
N THR B 256 4.34 -20.82 -8.39
CA THR B 256 4.56 -20.04 -7.19
C THR B 256 6.00 -20.21 -6.70
N ILE B 257 6.53 -19.19 -6.04
CA ILE B 257 7.88 -19.19 -5.50
C ILE B 257 7.85 -19.08 -3.98
N THR B 258 7.22 -18.04 -3.47
CA THR B 258 7.22 -17.78 -2.03
C THR B 258 6.09 -16.85 -1.62
N PRO B 259 5.58 -17.02 -0.38
CA PRO B 259 4.49 -16.12 0.03
C PRO B 259 4.98 -14.72 0.32
N VAL B 260 4.11 -13.74 0.11
CA VAL B 260 4.38 -12.36 0.48
C VAL B 260 3.15 -11.70 1.11
N ILE B 261 3.38 -10.52 1.71
CA ILE B 261 2.27 -9.73 2.17
C ILE B 261 1.49 -9.23 0.97
N GLN B 262 0.22 -8.94 1.23
CA GLN B 262 -0.66 -8.33 0.25
C GLN B 262 0.01 -7.07 -0.24
N GLY B 263 0.17 -6.94 -1.54
CA GLY B 263 0.69 -5.73 -2.11
C GLY B 263 2.19 -5.56 -1.96
N SER B 264 2.93 -6.62 -1.66
CA SER B 264 4.40 -6.51 -1.59
C SER B 264 4.95 -6.09 -2.96
N GLU B 265 5.98 -5.24 -2.91
CA GLU B 265 6.81 -4.96 -4.08
C GLU B 265 7.89 -6.06 -4.17
N VAL B 266 8.61 -6.07 -5.29
CA VAL B 266 9.54 -7.17 -5.58
C VAL B 266 10.77 -6.70 -6.36
N ALA B 267 11.93 -7.24 -6.01
CA ALA B 267 13.19 -6.97 -6.73
C ALA B 267 13.91 -8.28 -6.99
N ILE B 268 14.57 -8.38 -8.13
CA ILE B 268 15.32 -9.57 -8.54
C ILE B 268 16.75 -9.18 -9.02
N ILE B 269 17.77 -9.92 -8.60
CA ILE B 269 19.08 -9.88 -9.25
C ILE B 269 19.52 -11.30 -9.58
N SER B 270 20.48 -11.40 -10.50
CA SER B 270 21.07 -12.69 -10.89
C SER B 270 22.53 -12.55 -11.37
N TRP B 271 23.25 -13.66 -11.41
CA TRP B 271 24.59 -13.67 -12.01
C TRP B 271 24.88 -15.10 -12.33
N GLY B 272 25.86 -15.33 -13.20
CA GLY B 272 26.28 -16.67 -13.56
C GLY B 272 25.36 -17.23 -14.64
N SER B 273 25.53 -18.52 -14.91
CA SER B 273 24.86 -19.13 -16.04
C SER B 273 24.81 -20.64 -15.82
N PHE B 274 23.86 -21.30 -16.48
CA PHE B 274 23.77 -22.75 -16.41
C PHE B 274 25.09 -23.46 -16.83
N ALA B 275 25.68 -23.04 -17.95
CA ALA B 275 26.97 -23.58 -18.41
C ALA B 275 28.17 -23.40 -17.44
N ASN B 276 28.06 -22.52 -16.45
CA ASN B 276 29.16 -22.33 -15.50
C ASN B 276 28.77 -22.54 -14.04
N ASN B 277 28.19 -23.70 -13.73
CA ASN B 277 27.64 -24.03 -12.37
C ASN B 277 26.81 -22.91 -11.77
N GLY B 278 25.95 -22.31 -12.59
CA GLY B 278 25.06 -21.27 -12.14
C GLY B 278 23.68 -21.49 -12.72
N PRO B 279 22.85 -20.47 -12.69
CA PRO B 279 23.04 -19.14 -12.13
C PRO B 279 22.74 -19.08 -10.64
N ASP B 280 22.90 -17.88 -10.09
CA ASP B 280 22.38 -17.50 -8.81
C ASP B 280 21.26 -16.48 -9.00
N LEU B 281 20.20 -16.61 -8.22
CA LEU B 281 19.11 -15.65 -8.17
C LEU B 281 18.98 -15.20 -6.72
N ARG B 282 18.71 -13.92 -6.52
CA ARG B 282 18.19 -13.42 -5.25
C ARG B 282 16.93 -12.55 -5.50
N LEU B 283 15.88 -12.82 -4.73
CA LEU B 283 14.64 -12.09 -4.74
C LEU B 283 14.46 -11.35 -3.43
N TYR B 284 13.94 -10.11 -3.48
CA TYR B 284 13.69 -9.29 -2.26
C TYR B 284 12.22 -8.84 -2.24
N PHE B 285 11.62 -8.80 -1.06
CA PHE B 285 10.14 -8.63 -0.92
C PHE B 285 9.78 -8.49 0.56
N GLN B 286 8.52 -8.21 0.86
CA GLN B 286 8.03 -8.29 2.25
C GLN B 286 7.08 -9.49 2.38
N ASN B 287 7.32 -10.34 3.38
CA ASN B 287 6.48 -11.50 3.68
C ASN B 287 5.94 -11.48 5.14
N GLY B 288 6.16 -10.39 5.86
CA GLY B 288 5.62 -10.27 7.21
C GLY B 288 6.60 -10.57 8.32
N THR B 289 7.87 -10.87 7.96
CA THR B 289 8.92 -11.08 8.96
C THR B 289 9.13 -9.78 9.73
N TYR B 290 9.09 -9.87 11.06
CA TYR B 290 9.08 -8.72 11.95
C TYR B 290 8.07 -7.64 11.48
N ILE B 291 6.95 -8.13 10.93
CA ILE B 291 5.87 -7.33 10.29
C ILE B 291 6.27 -6.67 8.95
N SER B 292 7.27 -5.79 8.99
CA SER B 292 7.60 -4.88 7.91
C SER B 292 9.07 -4.97 7.38
N ALA B 293 9.83 -5.99 7.82
CA ALA B 293 11.20 -6.18 7.32
C ALA B 293 11.18 -6.68 5.88
N VAL B 294 12.27 -6.44 5.16
CA VAL B 294 12.49 -6.99 3.83
C VAL B 294 13.14 -8.37 3.98
N SER B 295 12.68 -9.34 3.16
CA SER B 295 13.15 -10.73 3.20
C SER B 295 13.76 -11.13 1.85
N GLU B 296 14.58 -12.18 1.89
CA GLU B 296 15.33 -12.68 0.73
C GLU B 296 14.94 -14.11 0.40
N TRP B 297 14.87 -14.40 -0.88
CA TRP B 297 14.80 -15.77 -1.34
C TRP B 297 15.95 -15.98 -2.26
N VAL B 298 16.45 -17.22 -2.23
CA VAL B 298 17.68 -17.62 -2.90
C VAL B 298 17.41 -18.81 -3.83
N TRP B 299 18.08 -18.80 -4.99
CA TRP B 299 18.25 -20.01 -5.80
C TRP B 299 19.69 -20.20 -6.19
N ASN B 300 20.20 -21.40 -5.99
CA ASN B 300 21.49 -21.80 -6.59
C ASN B 300 21.51 -23.29 -6.94
N ARG B 301 22.61 -23.74 -7.54
CA ARG B 301 22.69 -25.11 -8.04
C ARG B 301 22.82 -26.17 -6.93
N ALA B 302 23.50 -25.80 -5.84
CA ALA B 302 23.78 -26.68 -4.70
C ALA B 302 22.50 -27.20 -4.02
N HIS B 303 21.67 -26.26 -3.58
CA HIS B 303 20.44 -26.60 -2.85
C HIS B 303 19.14 -26.12 -3.45
N GLY B 304 19.20 -25.42 -4.58
CA GLY B 304 17.95 -24.98 -5.25
C GLY B 304 17.24 -23.88 -4.47
N SER B 305 15.92 -23.88 -4.51
CA SER B 305 15.10 -22.83 -3.88
C SER B 305 15.13 -22.85 -2.36
N GLN B 306 15.55 -21.76 -1.72
CA GLN B 306 15.44 -21.64 -0.26
C GLN B 306 15.30 -20.17 0.15
N LEU B 307 14.74 -19.96 1.32
CA LEU B 307 14.63 -18.64 1.88
C LEU B 307 16.03 -18.22 2.33
N GLY B 308 16.40 -16.99 2.05
CA GLY B 308 17.72 -16.48 2.38
C GLY B 308 17.63 -15.79 3.71
N ARG B 309 18.35 -14.67 3.82
CA ARG B 309 18.29 -13.80 4.96
C ARG B 309 16.83 -13.44 5.30
N SER B 310 16.43 -13.83 6.52
CA SER B 310 15.10 -13.61 7.10
C SER B 310 14.60 -12.13 7.10
N ALA B 311 15.45 -11.25 7.63
CA ALA B 311 15.15 -9.83 7.71
C ALA B 311 16.43 -9.04 7.42
N LEU B 312 16.44 -8.32 6.31
CA LEU B 312 17.57 -7.45 5.97
C LEU B 312 17.82 -6.33 7.01
N PRO B 313 19.07 -5.83 7.09
CA PRO B 313 19.32 -4.59 7.81
C PRO B 313 18.36 -3.50 7.31
N PRO B 314 17.84 -2.67 8.23
CA PRO B 314 18.22 -2.48 9.62
C PRO B 314 17.51 -3.36 10.66
N ALA B 315 16.87 -4.45 10.24
CA ALA B 315 15.98 -5.19 11.13
C ALA B 315 16.70 -6.07 12.16
#